data_5JCV
#
_entry.id   5JCV
#
_cell.length_a   70.155
_cell.length_b   70.155
_cell.length_c   224.471
_cell.angle_alpha   90.000
_cell.angle_beta   90.000
_cell.angle_gamma   90.000
#
_symmetry.space_group_name_H-M   'I 41 2 2'
#
loop_
_entity.id
_entity.type
_entity.pdbx_description
1 polymer 'Lmo2181 protein'
2 non-polymer 'SULFATE ION'
3 non-polymer 'CHLORIDE ION'
4 water water
#
_entity_poly.entity_id   1
_entity_poly.type   'polypeptide(L)'
_entity_poly.pdbx_seq_one_letter_code
;SNALRDLQKLNKD(MSE)VGWLTIIDTEIDYPILQSKDNDYYLHHNYKNEKARAGSIFKDYRNTNEFLDKNTIIYGHN
(MSE)KDGS(MSE)FADLRKYLDKDFLVAHPTFSYESGLTNYEVEIFAVYETTTDFYYIETEFPETTDFEDYLQKVKQQS
VYTSNVKVSGKDRIITLSTCDTEKDYEKGR(MSE)VIQGKL
;
_entity_poly.pdbx_strand_id   A
#
# COMPACT_ATOMS: atom_id res chain seq x y z
N ALA A 3 -13.43 -25.37 13.05
CA ALA A 3 -13.41 -24.58 11.77
C ALA A 3 -14.08 -23.21 11.87
N LEU A 4 -14.92 -23.05 12.88
CA LEU A 4 -15.51 -21.75 13.17
C LEU A 4 -14.57 -20.93 14.08
N ARG A 5 -13.69 -21.62 14.79
CA ARG A 5 -12.58 -20.96 15.49
C ARG A 5 -11.67 -20.23 14.49
N ASP A 6 -11.43 -20.89 13.35
CA ASP A 6 -10.59 -20.30 12.31
C ASP A 6 -11.34 -19.12 11.69
N LEU A 7 -12.66 -19.24 11.52
CA LEU A 7 -13.44 -18.12 10.96
C LEU A 7 -13.41 -16.86 11.84
N GLN A 8 -13.52 -17.03 13.16
CA GLN A 8 -13.39 -15.91 14.09
C GLN A 8 -12.03 -15.22 13.99
N LYS A 9 -10.95 -16.02 13.93
CA LYS A 9 -9.58 -15.57 13.67
C LYS A 9 -9.51 -14.71 12.42
N LEU A 10 -10.01 -15.25 11.31
CA LEU A 10 -10.03 -14.53 10.04
C LEU A 10 -10.73 -13.18 10.12
N ASN A 11 -11.80 -13.10 10.90
CA ASN A 11 -12.60 -11.86 11.02
C ASN A 11 -11.89 -10.76 11.79
N LYS A 12 -11.03 -11.11 12.71
CA LYS A 12 -10.16 -10.11 13.32
C LYS A 12 -8.92 -9.74 12.44
N ASP A 13 -8.36 -10.73 11.77
CA ASP A 13 -7.11 -10.58 11.02
C ASP A 13 -7.31 -9.80 9.72
N VAL A 15 -8.61 -7.04 7.46
CA VAL A 15 -8.90 -5.64 7.81
C VAL A 15 -9.30 -4.83 6.57
N GLY A 16 -9.47 -5.53 5.44
CA GLY A 16 -9.71 -4.84 4.18
C GLY A 16 -9.54 -5.70 2.94
N TRP A 17 -9.58 -5.04 1.79
CA TRP A 17 -9.46 -5.70 0.48
C TRP A 17 -8.77 -4.74 -0.48
N LEU A 18 -8.00 -5.30 -1.42
CA LEU A 18 -7.28 -4.48 -2.42
C LEU A 18 -7.50 -5.07 -3.81
N THR A 19 -7.76 -4.23 -4.79
CA THR A 19 -7.95 -4.74 -6.14
C THR A 19 -7.34 -3.76 -7.11
N ILE A 20 -6.52 -4.28 -8.01
CA ILE A 20 -6.07 -3.47 -9.13
C ILE A 20 -6.41 -4.24 -10.41
N ILE A 21 -7.25 -3.64 -11.24
CA ILE A 21 -7.71 -4.23 -12.50
C ILE A 21 -6.54 -4.63 -13.39
N ASP A 22 -6.66 -5.75 -14.10
CA ASP A 22 -5.63 -6.26 -15.04
C ASP A 22 -4.34 -6.64 -14.30
N THR A 23 -4.46 -7.09 -13.06
CA THR A 23 -3.31 -7.66 -12.33
C THR A 23 -3.78 -8.83 -11.53
N GLU A 24 -2.86 -9.53 -10.89
CA GLU A 24 -3.24 -10.56 -9.94
C GLU A 24 -3.68 -9.96 -8.64
N ILE A 25 -3.54 -8.63 -8.45
CA ILE A 25 -3.70 -8.03 -7.12
C ILE A 25 -5.21 -7.83 -6.85
N ASP A 26 -5.77 -8.80 -6.13
CA ASP A 26 -7.18 -8.85 -5.81
C ASP A 26 -7.20 -9.70 -4.56
N TYR A 27 -6.86 -9.09 -3.43
CA TYR A 27 -6.49 -9.85 -2.28
C TYR A 27 -7.08 -9.24 -1.00
N PRO A 28 -7.28 -10.10 0.03
CA PRO A 28 -7.58 -9.62 1.33
C PRO A 28 -6.36 -8.93 1.92
N ILE A 29 -6.61 -7.87 2.67
CA ILE A 29 -5.59 -7.19 3.43
C ILE A 29 -5.64 -7.65 4.86
N LEU A 30 -4.54 -8.22 5.32
CA LEU A 30 -4.44 -8.71 6.68
C LEU A 30 -3.67 -7.72 7.54
N GLN A 31 -3.63 -7.95 8.85
CA GLN A 31 -2.89 -7.10 9.78
C GLN A 31 -2.67 -7.75 11.14
N SER A 32 -1.44 -7.64 11.64
CA SER A 32 -1.07 -8.17 12.94
C SER A 32 -0.45 -7.04 13.76
N LYS A 33 0.22 -7.40 14.83
CA LYS A 33 0.82 -6.43 15.77
C LYS A 33 2.23 -5.96 15.35
N ASP A 34 2.72 -6.47 14.22
CA ASP A 34 4.04 -6.14 13.72
C ASP A 34 3.98 -6.15 12.19
N ASN A 35 5.12 -5.84 11.55
CA ASN A 35 5.30 -5.91 10.10
C ASN A 35 5.97 -7.20 9.64
N ASP A 36 5.81 -8.28 10.40
CA ASP A 36 6.50 -9.53 10.12
C ASP A 36 5.61 -10.79 9.96
N TYR A 37 4.60 -10.96 10.80
CA TYR A 37 3.85 -12.22 10.80
C TYR A 37 3.34 -12.55 9.39
N TYR A 38 2.80 -11.56 8.70
CA TYR A 38 2.15 -11.85 7.42
C TYR A 38 3.10 -11.84 6.23
N LEU A 39 4.39 -11.68 6.48
CA LEU A 39 5.37 -12.10 5.50
C LEU A 39 5.43 -13.63 5.40
N HIS A 40 5.05 -14.34 6.45
CA HIS A 40 5.31 -15.78 6.48
C HIS A 40 4.08 -16.66 6.64
N HIS A 41 2.89 -16.04 6.71
CA HIS A 41 1.65 -16.78 6.91
C HIS A 41 0.58 -16.29 5.93
N ASN A 42 -0.28 -17.21 5.51
CA ASN A 42 -1.34 -16.88 4.58
C ASN A 42 -2.52 -16.32 5.36
N TYR A 43 -3.65 -16.14 4.70
CA TYR A 43 -4.81 -15.51 5.34
C TYR A 43 -5.50 -16.42 6.38
N LYS A 44 -5.19 -17.71 6.34
CA LYS A 44 -5.70 -18.68 7.31
C LYS A 44 -4.75 -18.87 8.48
N ASN A 45 -3.71 -18.03 8.53
CA ASN A 45 -2.70 -18.11 9.54
C ASN A 45 -1.84 -19.38 9.48
N GLU A 46 -1.78 -20.04 8.32
CA GLU A 46 -0.90 -21.19 8.12
C GLU A 46 0.42 -20.73 7.47
N LYS A 47 1.50 -21.42 7.78
CA LYS A 47 2.79 -21.09 7.23
C LYS A 47 2.76 -21.12 5.70
N ALA A 48 3.20 -20.02 5.10
CA ALA A 48 3.27 -19.91 3.63
C ALA A 48 4.30 -18.82 3.21
N ARG A 49 5.18 -19.17 2.28
CA ARG A 49 6.27 -18.26 1.88
C ARG A 49 5.73 -17.02 1.20
N ALA A 50 4.68 -17.18 0.40
CA ALA A 50 4.00 -16.07 -0.25
C ALA A 50 3.41 -15.06 0.76
N GLY A 51 3.15 -15.53 1.98
CA GLY A 51 2.59 -14.69 3.01
C GLY A 51 1.23 -14.20 2.58
N SER A 52 0.91 -12.98 3.01
CA SER A 52 -0.30 -12.29 2.70
C SER A 52 0.02 -10.86 2.38
N ILE A 53 -0.94 -10.18 1.78
CA ILE A 53 -0.96 -8.71 1.73
C ILE A 53 -1.35 -8.16 3.09
N PHE A 54 -0.59 -7.19 3.61
CA PHE A 54 -0.89 -6.72 4.95
C PHE A 54 -0.62 -5.25 5.18
N LYS A 55 -1.38 -4.69 6.10
CA LYS A 55 -1.32 -3.30 6.41
C LYS A 55 -0.32 -3.13 7.52
N ASP A 56 0.46 -2.06 7.40
CA ASP A 56 1.49 -1.72 8.37
C ASP A 56 0.85 -1.63 9.74
N TYR A 57 1.48 -2.23 10.73
CA TYR A 57 0.94 -2.29 12.09
C TYR A 57 0.75 -0.92 12.73
N ARG A 58 1.50 0.08 12.25
CA ARG A 58 1.32 1.44 12.74
C ARG A 58 0.04 2.15 12.25
N ASN A 59 -0.66 1.62 11.25
CA ASN A 59 -1.82 2.31 10.67
C ASN A 59 -3.08 1.72 11.20
N THR A 60 -3.68 2.44 12.14
CA THR A 60 -4.89 2.01 12.87
C THR A 60 -5.99 3.06 12.90
N ASN A 61 -5.90 4.08 12.06
CA ASN A 61 -6.88 5.12 11.94
C ASN A 61 -6.93 5.71 10.54
N GLU A 62 -7.82 5.14 9.74
CA GLU A 62 -8.20 5.64 8.40
C GLU A 62 -8.30 7.19 8.29
N PHE A 63 -8.95 7.83 9.27
CA PHE A 63 -9.36 9.24 9.11
C PHE A 63 -8.24 10.21 9.37
N LEU A 64 -7.30 9.78 10.20
CA LEU A 64 -6.21 10.66 10.60
C LEU A 64 -4.86 10.24 10.02
N ASP A 65 -4.65 8.93 9.81
CA ASP A 65 -3.34 8.47 9.25
C ASP A 65 -3.11 9.15 7.93
N LYS A 66 -2.04 9.94 7.86
CA LYS A 66 -1.74 10.66 6.63
C LYS A 66 -1.28 9.65 5.57
N ASN A 67 -0.60 8.58 5.98
CA ASN A 67 0.04 7.62 5.06
C ASN A 67 -0.13 6.20 5.56
N THR A 68 -1.02 5.47 4.91
CA THR A 68 -1.33 4.11 5.22
C THR A 68 -0.55 3.23 4.23
N ILE A 69 0.20 2.27 4.76
CA ILE A 69 1.10 1.44 3.95
C ILE A 69 0.66 -0.02 3.94
N ILE A 70 0.59 -0.56 2.73
CA ILE A 70 0.22 -1.93 2.49
C ILE A 70 1.42 -2.62 1.80
N TYR A 71 1.78 -3.77 2.34
CA TYR A 71 2.94 -4.50 1.97
C TYR A 71 2.57 -5.83 1.34
N GLY A 72 3.41 -6.33 0.44
CA GLY A 72 3.25 -7.71 -0.07
C GLY A 72 4.55 -8.17 -0.70
N HIS A 73 4.77 -9.47 -0.82
CA HIS A 73 5.99 -9.96 -1.48
C HIS A 73 5.97 -9.67 -2.95
N ASN A 74 7.15 -9.41 -3.46
CA ASN A 74 7.38 -9.45 -4.88
C ASN A 74 7.66 -10.85 -5.36
N LYS A 76 8.21 -14.28 -7.26
CA LYS A 76 8.73 -14.58 -8.58
C LYS A 76 7.71 -15.34 -9.45
N ASP A 77 6.70 -15.99 -8.85
CA ASP A 77 5.65 -16.58 -9.62
C ASP A 77 4.60 -15.54 -10.10
N GLY A 78 4.83 -14.26 -9.87
CA GLY A 78 3.91 -13.22 -10.33
C GLY A 78 2.74 -12.91 -9.41
N SER A 79 2.67 -13.59 -8.27
CA SER A 79 1.59 -13.33 -7.29
C SER A 79 1.92 -12.21 -6.33
N PHE A 81 2.42 -8.91 -4.66
CA PHE A 81 2.69 -7.59 -5.22
C PHE A 81 3.68 -7.58 -6.37
N ALA A 82 3.96 -8.73 -6.97
CA ALA A 82 4.82 -8.68 -8.16
C ALA A 82 4.28 -7.73 -9.23
N ASP A 83 2.94 -7.61 -9.34
CA ASP A 83 2.39 -6.77 -10.43
C ASP A 83 2.53 -5.26 -10.22
N LEU A 84 3.00 -4.82 -9.06
CA LEU A 84 3.24 -3.37 -8.83
C LEU A 84 4.20 -2.78 -9.90
N ARG A 85 5.12 -3.62 -10.37
CA ARG A 85 6.10 -3.21 -11.37
C ARG A 85 5.46 -2.83 -12.72
N LYS A 86 4.23 -3.25 -12.96
CA LYS A 86 3.56 -2.81 -14.20
C LYS A 86 3.44 -1.28 -14.33
N TYR A 87 3.39 -0.61 -13.18
CA TYR A 87 3.38 0.81 -13.16
C TYR A 87 4.66 1.51 -13.67
N LEU A 88 5.76 0.79 -13.94
CA LEU A 88 6.93 1.40 -14.59
C LEU A 88 6.76 1.52 -16.10
N ASP A 89 5.78 0.78 -16.65
CA ASP A 89 5.30 0.88 -18.02
C ASP A 89 4.27 2.02 -18.07
N LYS A 90 4.61 3.09 -18.77
CA LYS A 90 3.76 4.27 -18.83
C LYS A 90 2.39 3.97 -19.37
N ASP A 91 2.32 3.06 -20.35
CA ASP A 91 1.04 2.69 -20.97
C ASP A 91 0.09 2.14 -19.91
N PHE A 92 0.60 1.24 -19.06
CA PHE A 92 -0.23 0.70 -18.00
C PHE A 92 -0.76 1.77 -17.03
N LEU A 93 0.10 2.72 -16.68
CA LEU A 93 -0.28 3.73 -15.71
C LEU A 93 -1.37 4.64 -16.26
N VAL A 94 -1.22 5.05 -17.51
CA VAL A 94 -2.23 5.91 -18.14
C VAL A 94 -3.59 5.19 -18.15
N ALA A 95 -3.57 3.94 -18.57
CA ALA A 95 -4.76 3.12 -18.54
C ALA A 95 -5.23 2.73 -17.10
N HIS A 96 -4.42 2.94 -16.06
CA HIS A 96 -4.89 2.54 -14.71
C HIS A 96 -4.52 3.58 -13.66
N PRO A 97 -4.99 4.81 -13.85
CA PRO A 97 -4.68 5.86 -12.88
C PRO A 97 -5.22 5.64 -11.45
N THR A 98 -6.06 4.62 -11.24
CA THR A 98 -6.63 4.39 -9.90
C THR A 98 -6.75 2.93 -9.54
N PHE A 99 -6.80 2.65 -8.25
CA PHE A 99 -7.18 1.34 -7.77
C PHE A 99 -8.19 1.46 -6.64
N SER A 100 -8.73 0.31 -6.20
CA SER A 100 -9.67 0.31 -5.08
C SER A 100 -9.16 -0.37 -3.85
N TYR A 101 -9.35 0.33 -2.76
CA TYR A 101 -8.89 -0.07 -1.47
C TYR A 101 -10.11 -0.09 -0.56
N GLU A 102 -10.43 -1.26 -0.01
CA GLU A 102 -11.43 -1.34 1.06
CA GLU A 102 -11.43 -1.37 1.05
C GLU A 102 -10.72 -1.35 2.41
N SER A 103 -11.28 -0.61 3.36
CA SER A 103 -10.90 -0.72 4.76
C SER A 103 -11.95 -1.63 5.48
N GLY A 104 -11.96 -1.60 6.81
CA GLY A 104 -12.97 -2.33 7.56
C GLY A 104 -14.35 -1.72 7.42
N LEU A 105 -14.42 -0.45 7.01
CA LEU A 105 -15.66 0.33 6.96
C LEU A 105 -16.22 0.42 5.58
N THR A 106 -15.34 0.67 4.62
CA THR A 106 -15.79 1.16 3.33
C THR A 106 -14.69 1.18 2.24
N ASN A 107 -15.11 1.44 1.00
CA ASN A 107 -14.20 1.47 -0.17
C ASN A 107 -13.71 2.88 -0.59
N TYR A 108 -12.50 2.99 -1.14
CA TYR A 108 -11.97 4.24 -1.73
C TYR A 108 -11.45 3.92 -3.14
N GLU A 109 -11.52 4.88 -4.05
CA GLU A 109 -10.86 4.79 -5.35
C GLU A 109 -9.62 5.69 -5.38
N VAL A 110 -8.48 5.05 -5.19
CA VAL A 110 -7.25 5.76 -4.94
C VAL A 110 -6.67 6.24 -6.25
N GLU A 111 -6.25 7.50 -6.26
CA GLU A 111 -5.71 8.17 -7.42
C GLU A 111 -4.18 8.23 -7.33
N ILE A 112 -3.52 7.42 -8.14
CA ILE A 112 -2.07 7.32 -8.11
C ILE A 112 -1.40 8.62 -8.55
N PHE A 113 -0.44 9.08 -7.76
CA PHE A 113 0.33 10.28 -8.08
C PHE A 113 1.86 10.11 -8.07
N ALA A 114 2.37 8.99 -7.54
CA ALA A 114 3.83 8.71 -7.51
C ALA A 114 4.12 7.25 -7.64
N VAL A 115 5.13 6.95 -8.44
CA VAL A 115 5.56 5.58 -8.76
C VAL A 115 7.10 5.57 -8.78
N TYR A 116 7.74 4.68 -8.02
CA TYR A 116 9.20 4.55 -8.10
C TYR A 116 9.68 3.25 -7.52
N GLU A 117 10.93 2.92 -7.81
CA GLU A 117 11.65 1.85 -7.14
C GLU A 117 12.58 2.52 -6.20
N THR A 118 12.90 1.82 -5.14
CA THR A 118 13.90 2.32 -4.22
C THR A 118 14.58 1.16 -3.51
N THR A 119 15.91 1.28 -3.38
CA THR A 119 16.80 0.25 -2.78
C THR A 119 17.25 0.61 -1.33
N THR A 120 17.59 1.89 -1.09
CA THR A 120 18.15 2.33 0.22
C THR A 120 17.52 3.62 0.81
N ASP A 121 16.70 4.31 0.05
CA ASP A 121 16.08 5.52 0.53
C ASP A 121 14.63 5.20 0.88
N PHE A 122 14.40 4.99 2.17
CA PHE A 122 13.12 4.50 2.68
C PHE A 122 12.33 5.62 3.39
N TYR A 123 12.64 6.86 3.04
CA TYR A 123 11.93 8.00 3.55
C TYR A 123 10.39 7.80 3.48
N TYR A 124 9.93 7.21 2.39
CA TYR A 124 8.52 7.01 2.13
C TYR A 124 7.76 6.23 3.21
N ILE A 125 8.46 5.53 4.10
CA ILE A 125 7.74 4.73 5.10
C ILE A 125 7.35 5.53 6.35
N GLU A 126 7.59 6.83 6.35
CA GLU A 126 7.14 7.68 7.47
C GLU A 126 5.62 7.65 7.59
N THR A 127 5.16 7.39 8.80
CA THR A 127 3.74 7.50 9.14
C THR A 127 3.36 8.64 10.09
N GLU A 128 4.34 9.32 10.68
CA GLU A 128 4.07 10.31 11.73
C GLU A 128 4.52 11.68 11.23
N PHE A 129 3.60 12.64 11.30
CA PHE A 129 3.85 13.99 10.78
C PHE A 129 3.36 15.02 11.80
N PRO A 130 4.27 15.51 12.70
CA PRO A 130 3.86 16.45 13.78
C PRO A 130 2.88 17.48 13.28
N GLU A 131 3.28 18.20 12.22
CA GLU A 131 2.49 19.27 11.62
C GLU A 131 1.93 18.87 10.26
N THR A 132 1.03 19.71 9.76
CA THR A 132 0.60 19.65 8.38
C THR A 132 1.73 20.04 7.41
N THR A 133 2.66 20.87 7.89
CA THR A 133 3.81 21.29 7.09
CA THR A 133 3.80 21.28 7.07
C THR A 133 4.80 20.14 6.87
N ASP A 134 4.84 19.16 7.79
CA ASP A 134 5.74 18.02 7.65
C ASP A 134 5.29 17.07 6.54
N PHE A 135 3.98 16.91 6.40
CA PHE A 135 3.43 16.10 5.35
C PHE A 135 3.59 16.73 3.95
N GLU A 136 3.66 18.06 3.89
CA GLU A 136 3.89 18.73 2.62
C GLU A 136 5.36 18.61 2.17
N ASP A 137 6.29 18.56 3.13
CA ASP A 137 7.71 18.28 2.85
C ASP A 137 7.84 16.83 2.34
N TYR A 138 7.16 15.91 3.00
CA TYR A 138 7.07 14.51 2.57
C TYR A 138 6.59 14.39 1.12
N LEU A 139 5.52 15.09 0.79
CA LEU A 139 4.93 14.99 -0.54
C LEU A 139 5.83 15.53 -1.61
N GLN A 140 6.50 16.63 -1.30
CA GLN A 140 7.51 17.20 -2.17
C GLN A 140 8.61 16.17 -2.44
N LYS A 141 9.12 15.50 -1.41
CA LYS A 141 10.20 14.55 -1.60
C LYS A 141 9.75 13.38 -2.49
N VAL A 142 8.59 12.76 -2.20
CA VAL A 142 8.19 11.56 -2.93
C VAL A 142 7.73 11.83 -4.37
N LYS A 143 7.21 13.04 -4.61
CA LYS A 143 6.88 13.47 -5.98
C LYS A 143 8.15 13.59 -6.80
N GLN A 144 9.19 14.11 -6.17
CA GLN A 144 10.48 14.20 -6.83
C GLN A 144 11.09 12.83 -7.09
N GLN A 145 10.90 11.89 -6.17
CA GLN A 145 11.33 10.50 -6.37
C GLN A 145 10.58 9.77 -7.53
N SER A 146 9.40 10.25 -7.88
CA SER A 146 8.61 9.61 -8.93
C SER A 146 9.29 9.57 -10.29
N VAL A 147 9.07 8.49 -11.05
CA VAL A 147 9.63 8.39 -12.39
C VAL A 147 8.80 9.17 -13.39
N TYR A 148 7.65 9.69 -12.97
CA TYR A 148 6.80 10.50 -13.83
C TYR A 148 6.47 11.74 -13.07
N THR A 149 6.16 12.80 -13.83
CA THR A 149 5.52 13.98 -13.27
C THR A 149 4.05 13.72 -13.42
N SER A 150 3.30 13.96 -12.37
CA SER A 150 1.90 13.58 -12.31
C SER A 150 1.00 14.77 -12.59
N ASN A 151 -0.04 14.57 -13.40
CA ASN A 151 -1.15 15.52 -13.44
C ASN A 151 -1.77 15.72 -12.06
N VAL A 152 -1.78 14.68 -11.24
CA VAL A 152 -2.50 14.70 -9.98
C VAL A 152 -1.74 15.55 -9.03
N LYS A 153 -2.35 16.64 -8.59
CA LYS A 153 -1.76 17.40 -7.52
C LYS A 153 -2.39 16.94 -6.22
N VAL A 154 -1.62 17.11 -5.15
CA VAL A 154 -1.94 16.61 -3.84
C VAL A 154 -1.27 17.56 -2.86
N SER A 155 -1.95 17.84 -1.76
CA SER A 155 -1.49 18.81 -0.78
C SER A 155 -1.41 18.15 0.58
N GLY A 156 -0.74 18.84 1.47
CA GLY A 156 -0.57 18.40 2.85
C GLY A 156 -1.86 18.18 3.58
N LYS A 157 -2.95 18.68 2.99
CA LYS A 157 -4.29 18.48 3.51
C LYS A 157 -4.86 17.12 3.09
N ASP A 158 -4.37 16.56 1.98
CA ASP A 158 -4.85 15.24 1.55
C ASP A 158 -4.29 14.15 2.46
N ARG A 159 -4.79 12.93 2.24
CA ARG A 159 -4.24 11.72 2.85
C ARG A 159 -3.97 10.69 1.77
N ILE A 160 -3.00 9.81 2.00
CA ILE A 160 -2.54 8.87 0.97
C ILE A 160 -2.43 7.42 1.39
N ILE A 161 -2.27 6.58 0.38
CA ILE A 161 -2.05 5.17 0.59
C ILE A 161 -0.84 4.77 -0.25
N THR A 162 0.02 3.93 0.34
CA THR A 162 1.27 3.51 -0.25
C THR A 162 1.21 2.00 -0.39
N LEU A 163 1.42 1.54 -1.62
CA LEU A 163 1.61 0.13 -1.84
C LEU A 163 3.11 -0.13 -2.02
N SER A 164 3.64 -1.11 -1.31
CA SER A 164 5.09 -1.41 -1.37
C SER A 164 5.39 -2.89 -1.28
N THR A 165 6.34 -3.34 -2.08
CA THR A 165 6.83 -4.69 -1.94
C THR A 165 7.72 -4.69 -0.70
N CYS A 166 8.00 -5.87 -0.18
CA CYS A 166 8.76 -6.08 1.04
C CYS A 166 9.29 -7.51 0.94
N ASP A 167 10.61 -7.70 0.89
CA ASP A 167 11.18 -9.08 0.72
C ASP A 167 12.38 -9.36 1.58
N LYS A 174 16.13 -6.55 -5.94
CA LYS A 174 16.94 -5.72 -5.07
C LYS A 174 16.11 -4.54 -4.45
N GLY A 175 15.59 -3.66 -5.31
CA GLY A 175 14.77 -2.54 -4.86
C GLY A 175 13.32 -2.96 -4.60
N ARG A 176 12.68 -2.27 -3.66
CA ARG A 176 11.23 -2.32 -3.52
C ARG A 176 10.57 -1.50 -4.62
N VAL A 178 7.20 0.80 -5.34
CA VAL A 178 6.33 1.62 -4.50
C VAL A 178 5.35 2.39 -5.37
N ILE A 179 4.09 2.37 -4.98
CA ILE A 179 3.03 3.12 -5.65
C ILE A 179 2.37 3.92 -4.55
N GLN A 180 2.20 5.21 -4.77
CA GLN A 180 1.47 6.03 -3.83
C GLN A 180 0.29 6.80 -4.47
N GLY A 181 -0.82 6.84 -3.76
CA GLY A 181 -2.02 7.40 -4.31
C GLY A 181 -2.77 8.24 -3.29
N LYS A 182 -3.56 9.18 -3.80
CA LYS A 182 -4.40 10.06 -2.98
C LYS A 182 -5.72 9.37 -2.60
N LEU A 183 -6.06 9.38 -1.31
CA LEU A 183 -7.41 8.98 -0.88
C LEU A 183 -8.45 9.98 -1.31
#